data_6DYM
#
_entry.id   6DYM
#
_cell.length_a   44.958
_cell.length_b   56.486
_cell.length_c   50.523
_cell.angle_alpha   90.00
_cell.angle_beta   113.32
_cell.angle_gamma   90.00
#
_symmetry.space_group_name_H-M   'P 1 21 1'
#
loop_
_entity.id
_entity.type
_entity.pdbx_description
1 polymer Ebony
2 non-polymer 'CALCIUM ION'
3 water water
#
_entity_poly.entity_id   1
_entity_poly.type   'polypeptide(L)'
_entity_poly.pdbx_seq_one_letter_code
;MLKMEAVPLRLEHRQEVIDIIVASFYNKADLEQWLKPGVLRTDYSDILNDIWNVLVERDLSFVVYDTNTDRIIGTALNFD
ARNEPEVDIKSKLLIVFEFLEFCEGPIRDNYLPKGLNQILHSFMMGTAEKLNPRENIACMHFMEHEVLRVAREKQFAGIF
TTNTSPLTQQLADVYHYKTLLNFQVNEYVHSDGSRPFGDAPDEQRAIVHWKEVGKGSHHHHHH
;
_entity_poly.pdbx_strand_id   A
#
loop_
_chem_comp.id
_chem_comp.type
_chem_comp.name
_chem_comp.formula
CA non-polymer 'CALCIUM ION' 'Ca 2'
#
# COMPACT_ATOMS: atom_id res chain seq x y z
N MET A 1 -8.03 25.83 -1.14
CA MET A 1 -7.16 24.81 -0.58
C MET A 1 -7.94 23.57 -0.16
N LEU A 2 -7.41 22.40 -0.47
CA LEU A 2 -8.07 21.16 -0.12
C LEU A 2 -8.03 20.95 1.39
N LYS A 3 -9.19 20.78 2.01
CA LYS A 3 -9.29 20.55 3.45
C LYS A 3 -9.69 19.10 3.68
N MET A 4 -8.94 18.41 4.54
CA MET A 4 -9.06 16.96 4.67
C MET A 4 -9.19 16.56 6.13
N GLU A 5 -9.80 15.41 6.34
CA GLU A 5 -9.92 14.82 7.67
C GLU A 5 -9.75 13.32 7.59
N ALA A 6 -8.97 12.76 8.49
CA ALA A 6 -8.75 11.31 8.57
C ALA A 6 -9.77 10.69 9.52
N VAL A 7 -10.48 9.70 9.02
CA VAL A 7 -11.54 9.05 9.79
C VAL A 7 -11.25 7.54 9.85
N PRO A 8 -11.30 6.92 11.04
CA PRO A 8 -11.07 5.47 11.12
C PRO A 8 -12.02 4.71 10.20
N LEU A 9 -11.50 3.61 9.66
CA LEU A 9 -12.26 2.78 8.74
C LEU A 9 -13.50 2.20 9.42
N ARG A 10 -14.64 2.29 8.74
CA ARG A 10 -15.89 1.73 9.21
C ARG A 10 -16.35 0.64 8.24
N LEU A 11 -17.26 -0.22 8.72
CA LEU A 11 -17.74 -1.32 7.90
C LEU A 11 -18.42 -0.82 6.63
N GLU A 12 -19.15 0.29 6.71
CA GLU A 12 -19.91 0.80 5.59
C GLU A 12 -19.06 1.52 4.55
N HIS A 13 -17.75 1.62 4.77
CA HIS A 13 -16.84 2.26 3.81
C HIS A 13 -16.40 1.31 2.71
N ARG A 14 -16.91 0.08 2.68
CA ARG A 14 -16.32 -0.97 1.86
C ARG A 14 -16.35 -0.62 0.37
N GLN A 15 -17.51 -0.22 -0.15
CA GLN A 15 -17.62 0.03 -1.57
C GLN A 15 -16.81 1.26 -1.98
N GLU A 16 -16.84 2.31 -1.16
CA GLU A 16 -16.05 3.49 -1.45
C GLU A 16 -14.55 3.16 -1.45
N VAL A 17 -14.10 2.35 -0.49
CA VAL A 17 -12.69 1.96 -0.45
C VAL A 17 -12.35 1.08 -1.64
N ILE A 18 -13.22 0.15 -1.99
CA ILE A 18 -12.97 -0.73 -3.13
C ILE A 18 -12.84 0.10 -4.41
N ASP A 19 -13.75 1.05 -4.60
CA ASP A 19 -13.71 1.91 -5.79
C ASP A 19 -12.37 2.65 -5.88
N ILE A 20 -11.90 3.19 -4.76
CA ILE A 20 -10.64 3.93 -4.77
C ILE A 20 -9.48 3.00 -5.10
N ILE A 21 -9.43 1.83 -4.48
CA ILE A 21 -8.30 0.91 -4.69
C ILE A 21 -8.32 0.36 -6.11
N VAL A 22 -9.49 -0.04 -6.60
CA VAL A 22 -9.58 -0.59 -7.95
C VAL A 22 -9.13 0.45 -8.97
N ALA A 23 -9.63 1.68 -8.84
CA ALA A 23 -9.22 2.74 -9.76
C ALA A 23 -7.73 3.05 -9.63
N SER A 24 -7.22 3.07 -8.41
CA SER A 24 -5.84 3.47 -8.19
C SER A 24 -4.85 2.43 -8.68
N PHE A 25 -5.22 1.15 -8.65
CA PHE A 25 -4.29 0.08 -9.02
C PHE A 25 -4.52 -0.43 -10.43
N TYR A 26 -5.75 -0.81 -10.77
CA TYR A 26 -6.02 -1.52 -12.02
C TYR A 26 -5.49 -0.75 -13.22
N ASN A 27 -4.65 -1.42 -14.01
CA ASN A 27 -3.92 -0.86 -15.15
C ASN A 27 -2.82 0.09 -14.69
N LYS A 28 -3.07 0.85 -13.62
CA LYS A 28 -2.11 1.86 -13.16
C LYS A 28 -0.89 1.25 -12.50
N ALA A 29 -1.02 0.07 -11.88
CA ALA A 29 0.04 -0.43 -11.02
C ALA A 29 1.29 -0.83 -11.80
N ASP A 30 2.45 -0.49 -11.25
CA ASP A 30 3.71 -0.63 -11.99
C ASP A 30 4.13 -2.09 -12.15
N LEU A 31 3.69 -2.98 -11.26
CA LEU A 31 4.05 -4.39 -11.38
C LEU A 31 3.03 -5.16 -12.21
N GLU A 32 1.74 -4.94 -11.98
CA GLU A 32 0.69 -5.69 -12.68
C GLU A 32 0.65 -5.39 -14.18
N GLN A 33 1.18 -4.24 -14.61
CA GLN A 33 1.17 -3.95 -16.04
C GLN A 33 1.99 -4.96 -16.83
N TRP A 34 2.95 -5.61 -16.18
CA TRP A 34 3.79 -6.60 -16.84
C TRP A 34 3.20 -7.99 -16.79
N LEU A 35 2.13 -8.19 -16.01
CA LEU A 35 1.44 -9.48 -15.95
C LEU A 35 0.28 -9.56 -16.94
N LYS A 36 0.04 -8.51 -17.72
CA LYS A 36 -1.02 -8.55 -18.72
C LYS A 36 -0.70 -9.61 -19.77
N PRO A 37 -1.70 -10.34 -20.27
CA PRO A 37 -3.11 -10.18 -19.86
C PRO A 37 -3.47 -11.10 -18.71
N GLY A 38 -4.70 -10.98 -18.21
CA GLY A 38 -5.18 -11.82 -17.15
C GLY A 38 -5.30 -11.19 -15.78
N VAL A 39 -5.27 -9.86 -15.69
CA VAL A 39 -5.52 -9.16 -14.44
C VAL A 39 -6.83 -8.39 -14.59
N LEU A 40 -7.76 -8.65 -13.68
CA LEU A 40 -9.09 -8.06 -13.72
C LEU A 40 -9.31 -7.20 -12.48
N ARG A 41 -10.25 -6.25 -12.60
CA ARG A 41 -10.59 -5.40 -11.47
C ARG A 41 -11.04 -6.21 -10.27
N THR A 42 -11.79 -7.29 -10.52
CA THR A 42 -12.30 -8.10 -9.41
C THR A 42 -11.19 -8.79 -8.65
N ASP A 43 -9.99 -8.93 -9.24
CA ASP A 43 -8.88 -9.50 -8.49
C ASP A 43 -8.54 -8.65 -7.27
N TYR A 44 -8.63 -7.32 -7.41
CA TYR A 44 -8.39 -6.45 -6.27
C TYR A 44 -9.56 -6.46 -5.30
N SER A 45 -10.79 -6.33 -5.82
CA SER A 45 -11.95 -6.26 -4.93
C SER A 45 -12.18 -7.58 -4.20
N ASP A 46 -11.85 -8.72 -4.83
CA ASP A 46 -11.99 -10.01 -4.15
C ASP A 46 -11.10 -10.08 -2.93
N ILE A 47 -9.86 -9.60 -3.05
CA ILE A 47 -8.93 -9.60 -1.90
C ILE A 47 -9.45 -8.69 -0.80
N LEU A 48 -9.92 -7.49 -1.17
CA LEU A 48 -10.40 -6.54 -0.16
C LEU A 48 -11.65 -7.06 0.54
N ASN A 49 -12.58 -7.64 -0.21
CA ASN A 49 -13.78 -8.20 0.41
C ASN A 49 -13.42 -9.33 1.36
N ASP A 50 -12.41 -10.13 1.01
CA ASP A 50 -12.02 -11.26 1.86
C ASP A 50 -11.45 -10.79 3.20
N ILE A 51 -10.81 -9.62 3.24
CA ILE A 51 -10.15 -9.12 4.45
C ILE A 51 -10.93 -8.00 5.11
N TRP A 52 -12.07 -7.59 4.57
CA TRP A 52 -12.68 -6.32 4.95
C TRP A 52 -12.99 -6.26 6.44
N ASN A 53 -13.61 -7.31 6.99
CA ASN A 53 -14.03 -7.26 8.38
C ASN A 53 -12.81 -7.18 9.31
N VAL A 54 -11.81 -8.02 9.07
CA VAL A 54 -10.59 -7.96 9.87
C VAL A 54 -9.90 -6.61 9.71
N LEU A 55 -9.91 -6.07 8.50
CA LEU A 55 -9.28 -4.76 8.26
C LEU A 55 -9.92 -3.69 9.13
N VAL A 56 -11.25 -3.66 9.20
CA VAL A 56 -11.93 -2.66 10.02
C VAL A 56 -11.70 -2.91 11.51
N GLU A 57 -11.68 -4.19 11.93
CA GLU A 57 -11.63 -4.49 13.35
C GLU A 57 -10.25 -4.22 13.95
N ARG A 58 -9.18 -4.41 13.17
CA ARG A 58 -7.85 -4.11 13.69
C ARG A 58 -7.65 -2.63 14.00
N ASP A 59 -8.46 -1.75 13.40
CA ASP A 59 -8.48 -0.31 13.73
C ASP A 59 -7.13 0.37 13.49
N LEU A 60 -6.48 0.03 12.38
CA LEU A 60 -5.23 0.67 12.00
C LEU A 60 -5.33 1.42 10.68
N SER A 61 -6.45 1.32 9.98
CA SER A 61 -6.64 1.92 8.67
C SER A 61 -7.60 3.11 8.79
N PHE A 62 -7.61 3.94 7.74
CA PHE A 62 -8.47 5.12 7.77
C PHE A 62 -8.81 5.54 6.35
N VAL A 63 -9.82 6.39 6.24
CA VAL A 63 -10.17 7.05 4.99
C VAL A 63 -9.94 8.54 5.17
N VAL A 64 -9.78 9.24 4.05
CA VAL A 64 -9.59 10.69 4.05
C VAL A 64 -10.81 11.33 3.41
N TYR A 65 -11.45 12.22 4.14
CA TYR A 65 -12.59 12.98 3.65
C TYR A 65 -12.13 14.34 3.14
N ASP A 66 -12.69 14.75 2.00
CA ASP A 66 -12.69 16.16 1.61
C ASP A 66 -13.77 16.81 2.47
N THR A 67 -13.36 17.59 3.48
CA THR A 67 -14.30 18.18 4.42
CA THR A 67 -14.32 18.17 4.41
C THR A 67 -15.24 19.16 3.74
N ASN A 68 -14.83 19.74 2.60
CA ASN A 68 -15.71 20.65 1.88
C ASN A 68 -16.87 19.90 1.23
N THR A 69 -16.61 18.74 0.63
CA THR A 69 -17.65 17.98 -0.05
C THR A 69 -18.17 16.80 0.75
N ASP A 70 -17.53 16.47 1.88
CA ASP A 70 -17.92 15.32 2.72
C ASP A 70 -17.86 14.00 1.95
N ARG A 71 -16.92 13.85 1.03
CA ARG A 71 -16.74 12.60 0.30
C ARG A 71 -15.32 12.08 0.49
N ILE A 72 -15.18 10.76 0.37
CA ILE A 72 -13.89 10.09 0.56
C ILE A 72 -13.03 10.28 -0.69
N ILE A 73 -11.81 10.76 -0.51
CA ILE A 73 -10.88 11.00 -1.61
C ILE A 73 -9.61 10.17 -1.50
N GLY A 74 -9.43 9.43 -0.41
CA GLY A 74 -8.23 8.62 -0.27
C GLY A 74 -8.38 7.63 0.85
N THR A 75 -7.48 6.65 0.88
CA THR A 75 -7.53 5.67 1.96
C THR A 75 -6.16 5.06 2.18
N ALA A 76 -5.89 4.73 3.44
CA ALA A 76 -4.64 4.10 3.85
C ALA A 76 -4.98 2.84 4.64
N LEU A 77 -4.64 1.68 4.08
CA LEU A 77 -4.93 0.39 4.70
C LEU A 77 -3.65 -0.16 5.34
N ASN A 78 -3.72 -0.45 6.64
CA ASN A 78 -2.55 -0.85 7.40
C ASN A 78 -2.87 -2.08 8.23
N PHE A 79 -1.84 -2.89 8.45
CA PHE A 79 -1.87 -4.04 9.35
C PHE A 79 -0.61 -4.05 10.20
N ASP A 80 -0.71 -4.68 11.36
CA ASP A 80 0.48 -5.16 12.04
C ASP A 80 1.17 -6.18 11.14
N ALA A 81 2.42 -5.89 10.77
CA ALA A 81 3.12 -6.76 9.84
C ALA A 81 3.19 -8.20 10.34
N ARG A 82 3.17 -8.40 11.66
CA ARG A 82 3.24 -9.73 12.24
C ARG A 82 1.88 -10.27 12.68
N ASN A 83 0.79 -9.71 12.13
CA ASN A 83 -0.56 -10.09 12.52
C ASN A 83 -1.53 -9.81 11.38
N GLU A 84 -1.15 -10.23 10.17
CA GLU A 84 -1.86 -10.03 8.91
C GLU A 84 -2.71 -11.25 8.56
N PRO A 85 -3.91 -11.03 8.05
CA PRO A 85 -4.79 -12.15 7.71
C PRO A 85 -4.17 -13.00 6.61
N GLU A 86 -4.53 -14.28 6.62
CA GLU A 86 -4.04 -15.25 5.64
C GLU A 86 -5.08 -15.38 4.53
N VAL A 87 -4.87 -14.68 3.42
CA VAL A 87 -5.74 -14.75 2.26
C VAL A 87 -5.04 -15.54 1.17
N ASP A 88 -5.80 -16.38 0.48
CA ASP A 88 -5.28 -17.12 -0.66
C ASP A 88 -5.83 -16.48 -1.92
N ILE A 89 -4.94 -16.19 -2.87
CA ILE A 89 -5.26 -15.37 -4.03
C ILE A 89 -5.33 -16.26 -5.26
N LYS A 90 -6.37 -16.08 -6.06
CA LYS A 90 -6.57 -16.91 -7.24
C LYS A 90 -5.80 -16.38 -8.45
N SER A 91 -5.79 -15.07 -8.62
CA SER A 91 -5.35 -14.45 -9.87
C SER A 91 -3.82 -14.45 -9.98
N LYS A 92 -3.33 -13.81 -11.05
CA LYS A 92 -1.91 -13.53 -11.20
C LYS A 92 -1.41 -12.56 -10.15
N LEU A 93 -2.31 -11.91 -9.40
CA LEU A 93 -1.88 -11.05 -8.30
C LEU A 93 -1.07 -11.79 -7.26
N LEU A 94 -1.20 -13.12 -7.19
CA LEU A 94 -0.37 -13.89 -6.27
C LEU A 94 1.11 -13.73 -6.57
N ILE A 95 1.46 -13.59 -7.85
CA ILE A 95 2.85 -13.33 -8.22
C ILE A 95 3.32 -12.02 -7.61
N VAL A 96 2.46 -11.00 -7.62
CA VAL A 96 2.81 -9.71 -7.02
C VAL A 96 3.06 -9.87 -5.52
N PHE A 97 2.15 -10.56 -4.82
CA PHE A 97 2.32 -10.73 -3.38
C PHE A 97 3.53 -11.60 -3.05
N GLU A 98 3.83 -12.61 -3.88
CA GLU A 98 5.02 -13.40 -3.63
C GLU A 98 6.29 -12.58 -3.84
N PHE A 99 6.29 -11.69 -4.84
CA PHE A 99 7.43 -10.81 -5.05
C PHE A 99 7.60 -9.84 -3.89
N LEU A 100 6.50 -9.30 -3.37
CA LEU A 100 6.60 -8.41 -2.22
C LEU A 100 7.14 -9.16 -0.99
N GLU A 101 6.71 -10.40 -0.79
CA GLU A 101 7.29 -11.18 0.30
C GLU A 101 8.76 -11.48 0.05
N PHE A 102 9.14 -11.71 -1.21
CA PHE A 102 10.55 -11.86 -1.57
C PHE A 102 11.35 -10.65 -1.12
N CYS A 103 10.79 -9.44 -1.31
CA CYS A 103 11.47 -8.21 -0.90
C CYS A 103 11.43 -7.99 0.60
N GLU A 104 10.27 -8.23 1.23
CA GLU A 104 10.03 -7.84 2.61
C GLU A 104 10.46 -8.91 3.62
N GLY A 105 10.20 -10.18 3.30
CA GLY A 105 10.33 -11.26 4.26
C GLY A 105 11.67 -11.34 4.97
N PRO A 106 12.76 -11.51 4.20
CA PRO A 106 14.08 -11.61 4.84
C PRO A 106 14.44 -10.42 5.70
N ILE A 107 14.03 -9.22 5.29
CA ILE A 107 14.33 -8.02 6.06
C ILE A 107 13.46 -7.95 7.31
N ARG A 108 12.15 -8.13 7.14
CA ARG A 108 11.21 -8.04 8.26
C ARG A 108 11.57 -9.00 9.38
N ASP A 109 11.89 -10.25 9.05
CA ASP A 109 12.02 -11.27 10.07
C ASP A 109 13.41 -11.39 10.64
N ASN A 110 14.40 -10.68 10.09
CA ASN A 110 15.77 -10.78 10.57
C ASN A 110 16.39 -9.47 11.02
N TYR A 111 15.83 -8.33 10.61
CA TYR A 111 16.41 -7.03 10.97
C TYR A 111 15.47 -6.10 11.71
N LEU A 112 14.16 -6.33 11.65
CA LEU A 112 13.21 -5.44 12.29
C LEU A 112 12.76 -6.01 13.63
N PRO A 113 12.20 -5.17 14.51
CA PRO A 113 11.89 -5.63 15.88
C PRO A 113 10.91 -6.79 15.89
N LYS A 114 11.16 -7.72 16.81
CA LYS A 114 10.31 -8.89 16.98
C LYS A 114 9.11 -8.55 17.85
N GLY A 115 8.05 -9.32 17.69
CA GLY A 115 6.89 -9.20 18.55
C GLY A 115 5.76 -8.45 17.87
N LEU A 116 4.57 -8.57 18.46
CA LEU A 116 3.40 -7.88 17.97
C LEU A 116 3.47 -6.39 18.34
N ASN A 117 2.70 -5.59 17.61
CA ASN A 117 2.58 -4.16 17.87
C ASN A 117 3.93 -3.45 17.71
N GLN A 118 4.78 -3.96 16.82
CA GLN A 118 6.07 -3.37 16.53
C GLN A 118 6.15 -2.77 15.14
N ILE A 119 5.73 -3.52 14.13
CA ILE A 119 5.88 -3.12 12.74
C ILE A 119 4.50 -2.80 12.18
N LEU A 120 4.28 -1.52 11.88
CA LEU A 120 3.06 -1.09 11.19
C LEU A 120 3.30 -1.20 9.69
N HIS A 121 2.57 -2.10 9.05
CA HIS A 121 2.73 -2.37 7.61
C HIS A 121 1.74 -1.51 6.85
N SER A 122 2.26 -0.52 6.13
CA SER A 122 1.44 0.28 5.20
C SER A 122 1.34 -0.53 3.92
N PHE A 123 0.22 -1.22 3.72
CA PHE A 123 0.17 -2.18 2.63
C PHE A 123 -0.64 -1.70 1.43
N MET A 124 -1.59 -0.78 1.61
CA MET A 124 -2.25 -0.14 0.48
C MET A 124 -2.49 1.34 0.78
N MET A 125 -2.28 2.16 -0.22
CA MET A 125 -2.61 3.58 -0.19
C MET A 125 -3.19 3.95 -1.56
N GLY A 126 -4.29 4.67 -1.58
CA GLY A 126 -4.92 5.04 -2.83
C GLY A 126 -5.66 6.34 -2.70
N THR A 127 -5.84 7.02 -3.84
CA THR A 127 -6.60 8.27 -3.91
C THR A 127 -7.63 8.15 -5.03
N ALA A 128 -8.70 8.92 -4.90
CA ALA A 128 -9.80 8.86 -5.86
C ALA A 128 -9.33 9.27 -7.25
N GLU A 129 -9.97 8.68 -8.27
CA GLU A 129 -9.56 8.85 -9.66
C GLU A 129 -9.63 10.31 -10.13
N LYS A 130 -10.58 11.08 -9.61
CA LYS A 130 -10.88 12.40 -10.13
C LYS A 130 -9.98 13.49 -9.55
N LEU A 131 -9.06 13.15 -8.66
CA LEU A 131 -8.18 14.16 -8.10
C LEU A 131 -7.23 14.70 -9.16
N ASN A 132 -7.12 16.01 -9.25
CA ASN A 132 -6.11 16.64 -10.11
C ASN A 132 -4.75 16.51 -9.43
N PRO A 133 -3.64 16.85 -10.14
CA PRO A 133 -2.32 16.67 -9.51
C PRO A 133 -2.15 17.35 -8.15
N ARG A 134 -2.61 18.60 -8.02
CA ARG A 134 -2.50 19.29 -6.73
CA ARG A 134 -2.50 19.29 -6.73
C ARG A 134 -3.22 18.51 -5.64
N GLU A 135 -4.44 18.04 -5.92
CA GLU A 135 -5.21 17.32 -4.92
C GLU A 135 -4.60 15.96 -4.60
N ASN A 136 -4.04 15.29 -5.61
CA ASN A 136 -3.41 13.99 -5.37
C ASN A 136 -2.19 14.15 -4.46
N ILE A 137 -1.33 15.12 -4.77
CA ILE A 137 -0.14 15.35 -3.96
C ILE A 137 -0.52 15.79 -2.54
N ALA A 138 -1.53 16.67 -2.42
CA ALA A 138 -1.98 17.07 -1.10
C ALA A 138 -2.50 15.88 -0.29
N CYS A 139 -3.30 15.02 -0.94
CA CYS A 139 -3.84 13.87 -0.22
C CYS A 139 -2.74 12.90 0.20
N MET A 140 -1.76 12.66 -0.68
CA MET A 140 -0.65 11.78 -0.34
CA MET A 140 -0.67 11.76 -0.33
C MET A 140 0.14 12.31 0.85
N HIS A 141 0.47 13.60 0.84
CA HIS A 141 1.15 14.20 1.98
C HIS A 141 0.33 14.03 3.25
N PHE A 142 -1.00 14.20 3.14
CA PHE A 142 -1.87 14.11 4.31
C PHE A 142 -1.90 12.69 4.87
N MET A 143 -2.07 11.70 3.99
CA MET A 143 -2.08 10.32 4.46
C MET A 143 -0.73 9.89 5.01
N GLU A 144 0.35 10.35 4.38
CA GLU A 144 1.69 10.03 4.90
C GLU A 144 1.86 10.59 6.31
N HIS A 145 1.37 11.81 6.53
CA HIS A 145 1.43 12.42 7.86
C HIS A 145 0.56 11.68 8.86
N GLU A 146 -0.61 11.21 8.43
CA GLU A 146 -1.52 10.55 9.37
C GLU A 146 -1.10 9.11 9.68
N VAL A 147 -0.47 8.42 8.72
CA VAL A 147 0.05 7.08 9.04
C VAL A 147 1.09 7.17 10.14
N LEU A 148 1.96 8.18 10.07
CA LEU A 148 2.93 8.41 11.14
C LEU A 148 2.22 8.62 12.47
N ARG A 149 1.15 9.41 12.48
CA ARG A 149 0.42 9.68 13.72
C ARG A 149 -0.19 8.42 14.30
N VAL A 150 -0.79 7.58 13.44
CA VAL A 150 -1.36 6.33 13.93
C VAL A 150 -0.28 5.45 14.54
N ALA A 151 0.89 5.39 13.90
CA ALA A 151 1.98 4.57 14.39
C ALA A 151 2.39 4.95 15.82
N ARG A 152 2.62 6.24 16.07
CA ARG A 152 2.99 6.67 17.42
C ARG A 152 1.86 6.45 18.40
N GLU A 153 0.65 6.86 18.05
CA GLU A 153 -0.47 6.80 18.98
C GLU A 153 -0.82 5.36 19.33
N LYS A 154 -0.63 4.44 18.41
CA LYS A 154 -0.83 3.02 18.66
C LYS A 154 0.43 2.32 19.18
N GLN A 155 1.50 3.07 19.41
CA GLN A 155 2.71 2.57 20.08
C GLN A 155 3.47 1.55 19.23
N PHE A 156 3.48 1.74 17.92
CA PHE A 156 4.33 0.91 17.07
C PHE A 156 5.75 1.46 17.08
N ALA A 157 6.70 0.59 16.71
CA ALA A 157 8.10 1.01 16.66
C ALA A 157 8.42 1.70 15.34
N GLY A 158 7.80 1.30 14.24
CA GLY A 158 8.06 1.96 12.98
C GLY A 158 7.06 1.56 11.92
N ILE A 159 7.23 2.17 10.74
CA ILE A 159 6.36 1.94 9.59
C ILE A 159 7.17 1.26 8.49
N PHE A 160 6.57 0.24 7.88
CA PHE A 160 7.24 -0.66 6.95
C PHE A 160 6.40 -0.76 5.69
N THR A 161 7.03 -0.57 4.53
CA THR A 161 6.29 -0.64 3.27
C THR A 161 7.26 -0.88 2.11
N THR A 162 6.75 -1.51 1.04
CA THR A 162 7.47 -1.62 -0.23
C THR A 162 6.81 -0.67 -1.23
N ASN A 163 7.60 0.26 -1.74
CA ASN A 163 7.08 1.26 -2.68
C ASN A 163 7.49 0.87 -4.09
N THR A 164 6.50 0.75 -4.97
CA THR A 164 6.70 0.22 -6.31
C THR A 164 6.43 1.25 -7.39
N SER A 165 6.12 2.48 -7.05
CA SER A 165 5.98 3.53 -8.05
C SER A 165 6.96 4.65 -7.76
N PRO A 166 7.41 5.38 -8.79
CA PRO A 166 8.39 6.45 -8.54
C PRO A 166 7.90 7.50 -7.57
N LEU A 167 6.60 7.82 -7.60
CA LEU A 167 6.09 8.87 -6.71
C LEU A 167 6.07 8.41 -5.27
N THR A 168 5.61 7.18 -5.00
CA THR A 168 5.59 6.70 -3.63
C THR A 168 7.00 6.48 -3.11
N GLN A 169 7.92 6.07 -3.98
CA GLN A 169 9.32 5.91 -3.57
C GLN A 169 9.94 7.25 -3.20
N GLN A 170 9.70 8.29 -4.00
CA GLN A 170 10.29 9.58 -3.73
C GLN A 170 9.66 10.23 -2.50
N LEU A 171 8.34 10.09 -2.35
CA LEU A 171 7.69 10.59 -1.14
C LEU A 171 8.29 9.97 0.11
N ALA A 172 8.51 8.64 0.09
CA ALA A 172 9.12 7.97 1.23
C ALA A 172 10.50 8.54 1.53
N ASP A 173 11.28 8.82 0.48
CA ASP A 173 12.61 9.39 0.68
C ASP A 173 12.54 10.74 1.38
N VAL A 174 11.67 11.64 0.91
CA VAL A 174 11.64 12.98 1.51
C VAL A 174 10.99 12.96 2.89
N TYR A 175 10.26 11.90 3.23
CA TYR A 175 9.76 11.73 4.60
C TYR A 175 10.75 10.98 5.48
N HIS A 176 11.98 10.80 4.99
CA HIS A 176 13.09 10.22 5.76
C HIS A 176 12.88 8.75 6.09
N TYR A 177 12.21 8.01 5.22
CA TYR A 177 12.23 6.56 5.32
C TYR A 177 13.61 6.03 4.96
N LYS A 178 14.07 5.04 5.71
CA LYS A 178 15.32 4.37 5.40
C LYS A 178 15.10 3.33 4.31
N THR A 179 15.99 3.32 3.31
CA THR A 179 15.93 2.31 2.26
C THR A 179 16.63 1.04 2.74
N LEU A 180 15.90 -0.08 2.79
CA LEU A 180 16.48 -1.35 3.21
C LEU A 180 16.73 -2.30 2.06
N LEU A 181 16.11 -2.07 0.90
CA LEU A 181 16.35 -2.87 -0.30
C LEU A 181 15.92 -2.05 -1.49
N ASN A 182 16.75 -2.03 -2.53
CA ASN A 182 16.40 -1.39 -3.80
C ASN A 182 16.54 -2.46 -4.87
N PHE A 183 15.44 -3.13 -5.19
CA PHE A 183 15.50 -4.29 -6.06
C PHE A 183 15.03 -3.95 -7.47
N GLN A 184 15.77 -4.44 -8.46
CA GLN A 184 15.41 -4.30 -9.87
C GLN A 184 14.35 -5.34 -10.22
N VAL A 185 13.14 -4.87 -10.52
CA VAL A 185 12.00 -5.78 -10.60
C VAL A 185 12.13 -6.75 -11.78
N ASN A 186 12.86 -6.39 -12.83
CA ASN A 186 12.98 -7.32 -13.96
C ASN A 186 13.99 -8.44 -13.70
N GLU A 187 14.61 -8.49 -12.53
CA GLU A 187 15.48 -9.59 -12.16
C GLU A 187 14.78 -10.64 -11.30
N TYR A 188 13.54 -10.40 -10.89
CA TYR A 188 12.85 -11.37 -10.04
C TYR A 188 12.45 -12.59 -10.84
N VAL A 189 12.74 -13.78 -10.30
CA VAL A 189 12.45 -15.05 -10.95
C VAL A 189 11.31 -15.72 -10.21
N HIS A 190 10.30 -16.16 -10.96
CA HIS A 190 9.16 -16.89 -10.44
C HIS A 190 9.56 -18.34 -10.15
N SER A 191 8.69 -19.05 -9.44
CA SER A 191 8.97 -20.46 -9.13
C SER A 191 9.07 -21.31 -10.38
N ASP A 192 8.45 -20.91 -11.49
CA ASP A 192 8.56 -21.66 -12.74
C ASP A 192 9.78 -21.28 -13.56
N GLY A 193 10.65 -20.41 -13.05
CA GLY A 193 11.85 -20.02 -13.74
C GLY A 193 11.73 -18.80 -14.62
N SER A 194 10.53 -18.29 -14.83
CA SER A 194 10.33 -17.11 -15.67
C SER A 194 10.51 -15.84 -14.83
N ARG A 195 10.75 -14.73 -15.53
CA ARG A 195 10.78 -13.43 -14.87
C ARG A 195 9.51 -12.68 -15.21
N PRO A 196 8.50 -12.70 -14.33
CA PRO A 196 7.18 -12.12 -14.69
C PRO A 196 7.22 -10.64 -15.00
N PHE A 197 8.15 -9.89 -14.40
CA PHE A 197 8.35 -8.48 -14.74
C PHE A 197 9.58 -8.27 -15.62
N GLY A 198 9.98 -9.30 -16.39
CA GLY A 198 11.23 -9.25 -17.13
C GLY A 198 11.24 -8.20 -18.22
N ASP A 199 10.09 -7.85 -18.76
CA ASP A 199 10.00 -6.82 -19.79
C ASP A 199 10.07 -5.40 -19.24
N ALA A 200 10.08 -5.24 -17.91
CA ALA A 200 10.16 -3.90 -17.34
C ALA A 200 11.55 -3.30 -17.58
N PRO A 201 11.66 -1.98 -17.68
CA PRO A 201 12.97 -1.36 -17.85
C PRO A 201 13.83 -1.57 -16.60
N ASP A 202 15.15 -1.49 -16.80
CA ASP A 202 16.08 -1.65 -15.68
C ASP A 202 15.83 -0.63 -14.58
N GLU A 203 15.22 0.50 -14.91
CA GLU A 203 15.03 1.60 -13.97
C GLU A 203 13.84 1.40 -13.05
N GLN A 204 12.98 0.42 -13.31
CA GLN A 204 11.84 0.19 -12.43
C GLN A 204 12.30 -0.60 -11.21
N ARG A 205 12.15 0.00 -10.03
CA ARG A 205 12.59 -0.59 -8.78
C ARG A 205 11.41 -0.94 -7.90
N ALA A 206 11.65 -1.86 -6.98
CA ALA A 206 10.82 -2.07 -5.79
C ALA A 206 11.70 -1.72 -4.61
N ILE A 207 11.27 -0.78 -3.78
CA ILE A 207 12.09 -0.25 -2.70
C ILE A 207 11.40 -0.56 -1.39
N VAL A 208 12.14 -1.22 -0.49
CA VAL A 208 11.65 -1.55 0.85
C VAL A 208 12.05 -0.42 1.78
N HIS A 209 11.06 0.20 2.42
CA HIS A 209 11.25 1.41 3.20
C HIS A 209 10.84 1.18 4.65
N TRP A 210 11.59 1.80 5.57
CA TRP A 210 11.38 1.62 6.99
C TRP A 210 11.66 2.95 7.69
N LYS A 211 10.73 3.37 8.55
CA LYS A 211 10.87 4.62 9.29
C LYS A 211 10.57 4.35 10.75
N GLU A 212 11.56 4.53 11.60
CA GLU A 212 11.35 4.39 13.04
C GLU A 212 10.50 5.55 13.55
N VAL A 213 9.60 5.24 14.47
CA VAL A 213 8.64 6.20 14.98
C VAL A 213 9.07 6.70 16.36
CA CA B . -4.16 22.40 -1.62
#